data_7HRG
#
_entry.id   7HRG
#
_cell.length_a   99.595
_cell.length_b   99.614
_cell.length_c   127.835
_cell.angle_alpha   90.00
_cell.angle_beta   90.00
_cell.angle_gamma   90.00
#
_symmetry.space_group_name_H-M   'I 2 2 2'
#
loop_
_entity.id
_entity.type
_entity.pdbx_description
1 polymer 'Oleoyl-acyl carrier protein thioesterase 1, chloroplastic'
2 non-polymer 'SULFATE ION'
3 non-polymer 3-chlorobenzoate
4 water water
#
_entity_poly.entity_id   1
_entity_poly.type   'polypeptide(L)'
_entity_poly.pdbx_seq_one_letter_code
;MGSLTEDGLSYKEKFVVRSYEVGSNKTATVETIANLLQEVGCNHAQSVGFSTDGFATTTTMRKLHLIWVTARMHIEIYKY
PAWGDVVEIETWCQSEGRIGTRRDWILKDSVTGEVTGRATSKWVMMNQDTRRLQKVSDDVRDEYLVFCPQEPRLAFPEEN
NRSLKKIPKLEDPAQYSMIGLKPRRADLDMNQHVNNVTYIGWVLESIPQEIVDTHELQVITLDYRRECQQDDVVDSLTTT
TSEIGGTNGSATSGTQGHNDSQFLHLLRLSGDGQEINRGTTLWRKKPSSHHHHHH
;
_entity_poly.pdbx_strand_id   A,B
#
loop_
_chem_comp.id
_chem_comp.type
_chem_comp.name
_chem_comp.formula
3BZ non-polymer 3-chlorobenzoate 'C7 H5 Cl O2'
SO4 non-polymer 'SULFATE ION' 'O4 S -2'
#
# COMPACT_ATOMS: atom_id res chain seq x y z
N GLY A 2 3.07 -4.07 -19.43
CA GLY A 2 1.92 -3.59 -20.24
C GLY A 2 2.35 -3.09 -21.60
N SER A 3 1.40 -2.71 -22.45
CA SER A 3 1.64 -2.23 -23.84
C SER A 3 0.39 -1.55 -24.39
N LEU A 4 0.59 -0.56 -25.26
CA LEU A 4 -0.47 0.04 -26.12
C LEU A 4 -1.06 -1.07 -27.00
N THR A 5 -2.39 -1.07 -27.17
CA THR A 5 -3.12 -2.05 -28.02
C THR A 5 -2.73 -1.82 -29.47
N GLU A 6 -3.15 -2.71 -30.38
CA GLU A 6 -2.76 -2.62 -31.82
C GLU A 6 -2.93 -1.21 -32.41
N ASP A 7 -4.09 -0.59 -32.19
CA ASP A 7 -4.50 0.70 -32.82
C ASP A 7 -3.91 1.88 -32.05
N GLY A 8 -3.09 1.63 -31.01
CA GLY A 8 -2.45 2.69 -30.20
C GLY A 8 -3.42 3.68 -29.52
N LEU A 9 -4.69 3.31 -29.26
CA LEU A 9 -5.70 4.20 -28.64
C LEU A 9 -6.22 3.64 -27.30
N SER A 10 -5.65 2.55 -26.79
CA SER A 10 -5.85 2.09 -25.39
C SER A 10 -4.58 1.38 -24.92
N TYR A 11 -4.45 1.13 -23.62
CA TYR A 11 -3.26 0.49 -23.00
C TYR A 11 -3.70 -0.69 -22.12
N LYS A 12 -3.06 -1.86 -22.27
CA LYS A 12 -3.34 -3.08 -21.46
C LYS A 12 -2.14 -3.46 -20.59
N GLU A 13 -2.42 -3.98 -19.39
CA GLU A 13 -1.39 -4.41 -18.39
C GLU A 13 -1.95 -5.51 -17.51
N LYS A 14 -1.12 -6.51 -17.18
CA LYS A 14 -1.47 -7.69 -16.35
C LYS A 14 -0.86 -7.52 -14.97
N PHE A 15 -1.58 -7.92 -13.92
CA PHE A 15 -1.12 -7.85 -12.51
C PHE A 15 -1.44 -9.16 -11.80
N VAL A 16 -0.50 -9.63 -10.97
CA VAL A 16 -0.69 -10.81 -10.08
C VAL A 16 -1.00 -10.21 -8.72
N VAL A 17 -2.22 -10.44 -8.25
CA VAL A 17 -2.74 -9.99 -6.92
C VAL A 17 -1.78 -10.55 -5.86
N ARG A 18 -1.25 -9.66 -5.00
CA ARG A 18 -0.17 -9.96 -4.01
C ARG A 18 -0.77 -10.21 -2.62
N SER A 19 -0.08 -10.91 -1.71
CA SER A 19 -0.62 -11.35 -0.39
C SER A 19 -1.09 -10.14 0.42
N TYR A 20 -0.33 -9.06 0.42
CA TYR A 20 -0.63 -7.85 1.24
C TYR A 20 -1.76 -7.05 0.58
N GLU A 21 -2.17 -7.39 -0.63
CA GLU A 21 -3.22 -6.62 -1.36
C GLU A 21 -4.61 -7.15 -1.05
N VAL A 22 -4.77 -8.29 -0.35
CA VAL A 22 -6.12 -8.90 -0.10
C VAL A 22 -6.65 -8.49 1.28
N GLY A 23 -7.97 -8.51 1.46
CA GLY A 23 -8.68 -8.11 2.69
C GLY A 23 -9.37 -9.27 3.42
N SER A 24 -10.36 -8.92 4.24
CA SER A 24 -11.16 -9.81 5.12
C SER A 24 -11.75 -11.00 4.34
N ASN A 25 -11.99 -10.83 3.04
CA ASN A 25 -12.66 -11.84 2.16
C ASN A 25 -11.62 -12.61 1.33
N LYS A 26 -10.34 -12.61 1.73
CA LYS A 26 -9.23 -13.28 1.01
C LYS A 26 -9.15 -12.78 -0.45
N THR A 27 -9.77 -11.64 -0.76
CA THR A 27 -9.81 -11.09 -2.12
C THR A 27 -9.30 -9.66 -2.03
N ALA A 28 -8.94 -9.08 -3.18
CA ALA A 28 -8.25 -7.78 -3.29
C ALA A 28 -9.19 -6.69 -2.77
N THR A 29 -8.61 -5.70 -2.10
CA THR A 29 -9.40 -4.57 -1.58
C THR A 29 -9.69 -3.66 -2.76
N VAL A 30 -10.72 -2.82 -2.62
CA VAL A 30 -11.10 -1.77 -3.62
C VAL A 30 -9.94 -0.75 -3.68
N GLU A 31 -9.26 -0.53 -2.56
CA GLU A 31 -8.07 0.36 -2.49
C GLU A 31 -6.95 -0.21 -3.37
N THR A 32 -6.67 -1.51 -3.28
CA THR A 32 -5.67 -2.14 -4.16
C THR A 32 -6.12 -1.94 -5.60
N ILE A 33 -7.36 -2.34 -5.92
CA ILE A 33 -7.89 -2.21 -7.31
C ILE A 33 -7.67 -0.78 -7.77
N ALA A 34 -8.00 0.19 -6.91
CA ALA A 34 -7.81 1.63 -7.24
C ALA A 34 -6.34 1.89 -7.54
N ASN A 35 -5.43 1.26 -6.81
CA ASN A 35 -3.99 1.49 -7.02
C ASN A 35 -3.63 1.00 -8.43
N LEU A 36 -4.16 -0.15 -8.84
CA LEU A 36 -3.91 -0.79 -10.16
C LEU A 36 -4.50 0.11 -11.25
N LEU A 37 -5.67 0.70 -11.04
CA LEU A 37 -6.23 1.74 -11.98
C LEU A 37 -5.23 2.87 -12.24
N GLN A 38 -4.67 3.44 -11.17
CA GLN A 38 -3.79 4.63 -11.26
C GLN A 38 -2.45 4.20 -11.89
N GLU A 39 -1.95 3.02 -11.53
CA GLU A 39 -0.68 2.47 -12.12
C GLU A 39 -0.82 2.33 -13.64
N VAL A 40 -1.92 1.73 -14.12
CA VAL A 40 -2.06 1.47 -15.58
C VAL A 40 -2.33 2.82 -16.27
N GLY A 41 -3.02 3.73 -15.59
CA GLY A 41 -3.18 5.12 -16.06
C GLY A 41 -1.84 5.80 -16.31
N CYS A 42 -0.91 5.67 -15.36
N CYS A 42 -0.92 5.64 -15.36
N CYS A 42 -0.91 5.67 -15.36
CA CYS A 42 0.46 6.28 -15.43
CA CYS A 42 0.43 6.24 -15.39
CA CYS A 42 0.46 6.28 -15.43
C CYS A 42 1.28 5.62 -16.54
C CYS A 42 1.28 5.61 -16.50
C CYS A 42 1.28 5.62 -16.54
N ASN A 43 1.18 4.30 -16.69
CA ASN A 43 1.92 3.55 -17.75
C ASN A 43 1.44 4.06 -19.12
N HIS A 44 0.14 4.18 -19.34
CA HIS A 44 -0.45 4.72 -20.62
C HIS A 44 0.04 6.14 -20.90
N ALA A 45 0.01 7.06 -19.94
CA ALA A 45 0.44 8.47 -20.07
C ALA A 45 1.90 8.58 -20.50
N GLN A 46 2.74 7.67 -19.99
CA GLN A 46 4.19 7.58 -20.30
C GLN A 46 4.38 6.91 -21.65
N SER A 47 3.53 5.94 -21.99
N SER A 47 3.56 5.91 -21.97
N SER A 47 3.53 5.94 -21.99
CA SER A 47 3.62 5.14 -23.24
CA SER A 47 3.66 5.16 -23.25
CA SER A 47 3.62 5.14 -23.24
C SER A 47 3.37 6.03 -24.47
C SER A 47 3.56 6.14 -24.43
C SER A 47 3.37 6.03 -24.47
N VAL A 48 2.79 7.22 -24.30
CA VAL A 48 2.54 8.21 -25.39
C VAL A 48 3.18 9.56 -25.04
N GLY A 49 4.12 9.59 -24.08
CA GLY A 49 4.98 10.77 -23.83
C GLY A 49 4.49 11.91 -22.96
N PHE A 50 3.32 11.77 -22.33
CA PHE A 50 2.83 12.70 -21.27
C PHE A 50 3.63 12.44 -19.99
N SER A 51 3.60 13.40 -19.05
CA SER A 51 4.35 13.35 -17.77
C SER A 51 3.91 14.50 -16.85
N ALA A 56 0.20 13.84 -15.83
CA ALA A 56 -0.33 13.58 -17.19
C ALA A 56 -0.39 14.90 -17.99
N THR A 57 0.61 15.77 -17.79
CA THR A 57 0.69 17.14 -18.37
C THR A 57 1.36 17.08 -19.75
N THR A 58 0.96 17.98 -20.65
CA THR A 58 1.61 18.26 -21.95
C THR A 58 2.64 19.38 -21.76
N THR A 59 3.44 19.68 -22.78
CA THR A 59 4.46 20.77 -22.76
C THR A 59 3.74 22.11 -22.63
N THR A 60 2.59 22.25 -23.30
CA THR A 60 1.69 23.43 -23.26
C THR A 60 1.21 23.64 -21.82
N MET A 61 0.73 22.58 -21.17
N MET A 61 0.73 22.57 -21.18
N MET A 61 0.73 22.58 -21.17
CA MET A 61 0.21 22.63 -19.78
CA MET A 61 0.21 22.58 -19.79
CA MET A 61 0.21 22.63 -19.78
C MET A 61 1.35 22.99 -18.83
C MET A 61 1.34 22.96 -18.83
C MET A 61 1.35 22.99 -18.83
N ARG A 62 2.52 22.34 -18.97
CA ARG A 62 3.72 22.58 -18.13
C ARG A 62 4.11 24.07 -18.21
N LYS A 63 4.03 24.65 -19.41
CA LYS A 63 4.36 26.08 -19.69
C LYS A 63 3.44 26.98 -18.85
N LEU A 64 2.14 26.68 -18.81
CA LEU A 64 1.09 27.50 -18.15
C LEU A 64 0.86 27.04 -16.70
N HIS A 65 1.70 26.14 -16.16
CA HIS A 65 1.57 25.58 -14.80
C HIS A 65 0.19 24.93 -14.62
N LEU A 66 -0.29 24.19 -15.63
CA LEU A 66 -1.66 23.60 -15.61
C LEU A 66 -1.56 22.10 -15.36
N ILE A 67 -2.43 21.55 -14.51
CA ILE A 67 -2.44 20.10 -14.13
C ILE A 67 -3.85 19.54 -14.31
N TRP A 68 -3.99 18.25 -14.57
CA TRP A 68 -5.29 17.54 -14.44
C TRP A 68 -5.45 17.17 -12.99
N VAL A 69 -6.65 17.36 -12.44
CA VAL A 69 -7.04 16.81 -11.12
C VAL A 69 -8.36 16.05 -11.32
N THR A 70 -8.54 14.97 -10.54
CA THR A 70 -9.77 14.13 -10.52
C THR A 70 -10.88 14.93 -9.84
N ALA A 71 -12.00 15.14 -10.55
CA ALA A 71 -13.23 15.77 -10.05
C ALA A 71 -14.17 14.68 -9.52
N ARG A 72 -14.23 13.54 -10.21
CA ARG A 72 -15.09 12.40 -9.84
C ARG A 72 -14.47 11.06 -10.28
N MET A 73 -14.74 10.03 -9.48
CA MET A 73 -14.28 8.62 -9.65
C MET A 73 -15.49 7.71 -9.40
N HIS A 74 -15.72 6.73 -10.27
CA HIS A 74 -16.83 5.76 -10.15
C HIS A 74 -16.28 4.37 -10.49
N ILE A 75 -16.40 3.44 -9.55
CA ILE A 75 -15.85 2.06 -9.66
C ILE A 75 -16.97 1.10 -9.37
N GLU A 76 -17.11 0.06 -10.20
CA GLU A 76 -18.07 -1.05 -10.01
C GLU A 76 -17.34 -2.38 -10.17
N ILE A 77 -17.37 -3.22 -9.12
CA ILE A 77 -16.66 -4.55 -9.09
C ILE A 77 -17.66 -5.69 -9.00
N TYR A 78 -17.65 -6.60 -9.98
CA TYR A 78 -18.51 -7.83 -9.99
C TYR A 78 -17.87 -8.92 -9.14
N LYS A 79 -16.57 -9.15 -9.35
CA LYS A 79 -15.75 -10.14 -8.58
C LYS A 79 -14.43 -9.49 -8.19
N TYR A 80 -14.06 -9.56 -6.90
CA TYR A 80 -12.73 -9.11 -6.42
C TYR A 80 -11.77 -10.26 -6.68
N PRO A 81 -10.62 -10.01 -7.32
CA PRO A 81 -9.72 -11.10 -7.65
C PRO A 81 -8.93 -11.63 -6.44
N ALA A 82 -8.74 -12.95 -6.42
CA ALA A 82 -8.08 -13.71 -5.32
C ALA A 82 -6.57 -13.59 -5.42
N TRP A 83 -5.89 -13.81 -4.30
CA TRP A 83 -4.40 -13.81 -4.20
C TRP A 83 -3.82 -14.81 -5.22
N GLY A 84 -2.94 -14.32 -6.09
CA GLY A 84 -2.29 -15.14 -7.14
C GLY A 84 -3.06 -15.11 -8.46
N ASP A 85 -4.32 -14.66 -8.47
CA ASP A 85 -5.11 -14.47 -9.72
C ASP A 85 -4.44 -13.42 -10.62
N VAL A 86 -4.43 -13.66 -11.94
CA VAL A 86 -3.88 -12.69 -12.92
C VAL A 86 -5.07 -11.81 -13.38
N VAL A 87 -5.03 -10.52 -13.16
CA VAL A 87 -6.12 -9.62 -13.62
C VAL A 87 -5.57 -8.81 -14.79
N GLU A 88 -6.39 -8.60 -15.82
CA GLU A 88 -6.05 -7.75 -16.98
C GLU A 88 -6.88 -6.47 -16.92
N ILE A 89 -6.21 -5.32 -16.97
CA ILE A 89 -6.86 -3.98 -16.99
C ILE A 89 -6.51 -3.31 -18.30
N GLU A 90 -7.54 -2.90 -19.05
CA GLU A 90 -7.44 -2.03 -20.24
C GLU A 90 -7.98 -0.64 -19.87
N THR A 91 -7.28 0.40 -20.31
CA THR A 91 -7.67 1.80 -20.04
C THR A 91 -7.59 2.64 -21.31
N TRP A 92 -8.40 3.68 -21.37
CA TRP A 92 -8.36 4.70 -22.43
C TRP A 92 -8.98 5.94 -21.85
N CYS A 93 -8.61 7.12 -22.38
CA CYS A 93 -9.22 8.41 -21.97
C CYS A 93 -9.73 9.15 -23.22
N GLN A 94 -10.77 9.97 -23.05
CA GLN A 94 -11.47 10.69 -24.14
C GLN A 94 -11.70 12.15 -23.76
N SER A 95 -11.75 13.03 -24.76
CA SER A 95 -12.18 14.45 -24.61
C SER A 95 -13.66 14.47 -24.24
N GLU A 96 -14.04 15.33 -23.28
CA GLU A 96 -15.42 15.80 -23.07
C GLU A 96 -15.45 17.28 -23.45
N GLY A 97 -14.77 17.61 -24.56
CA GLY A 97 -14.57 18.99 -25.05
C GLY A 97 -13.91 19.86 -24.00
N ARG A 98 -14.49 21.04 -23.74
CA ARG A 98 -13.87 22.11 -22.91
C ARG A 98 -14.08 21.78 -21.43
N ILE A 99 -14.98 20.84 -21.10
CA ILE A 99 -15.29 20.43 -19.70
C ILE A 99 -14.06 19.76 -19.09
N GLY A 100 -13.39 18.88 -19.84
CA GLY A 100 -12.19 18.16 -19.35
C GLY A 100 -11.98 16.85 -20.10
N THR A 101 -11.26 15.90 -19.48
CA THR A 101 -11.08 14.53 -19.99
C THR A 101 -11.79 13.56 -19.03
N ARG A 102 -11.96 12.34 -19.52
CA ARG A 102 -12.56 11.16 -18.85
C ARG A 102 -11.59 10.00 -19.05
N ARG A 103 -11.15 9.34 -17.97
CA ARG A 103 -10.41 8.05 -18.13
C ARG A 103 -11.35 6.95 -17.67
N ASP A 104 -11.38 5.86 -18.44
CA ASP A 104 -12.24 4.67 -18.21
C ASP A 104 -11.34 3.42 -18.12
N TRP A 105 -11.77 2.42 -17.33
CA TRP A 105 -11.04 1.15 -17.20
C TRP A 105 -12.00 -0.04 -17.31
N ILE A 106 -11.48 -1.17 -17.82
CA ILE A 106 -12.16 -2.50 -17.84
C ILE A 106 -11.23 -3.51 -17.16
N LEU A 107 -11.75 -4.25 -16.18
CA LEU A 107 -10.99 -5.28 -15.44
C LEU A 107 -11.56 -6.63 -15.85
N LYS A 108 -10.67 -7.55 -16.28
CA LYS A 108 -11.04 -8.92 -16.69
C LYS A 108 -10.27 -9.95 -15.84
N ASP A 109 -10.89 -11.11 -15.60
CA ASP A 109 -10.18 -12.37 -15.25
C ASP A 109 -9.39 -12.81 -16.50
N SER A 110 -8.07 -12.92 -16.38
CA SER A 110 -7.15 -13.28 -17.48
C SER A 110 -7.52 -14.66 -18.04
N VAL A 111 -7.92 -15.59 -17.18
CA VAL A 111 -8.08 -17.04 -17.51
C VAL A 111 -9.41 -17.25 -18.25
N THR A 112 -10.52 -16.67 -17.77
CA THR A 112 -11.88 -16.86 -18.34
C THR A 112 -12.23 -15.75 -19.34
N GLY A 113 -11.56 -14.59 -19.26
CA GLY A 113 -11.72 -13.46 -20.19
C GLY A 113 -12.93 -12.58 -19.85
N GLU A 114 -13.68 -12.91 -18.80
CA GLU A 114 -14.95 -12.22 -18.44
C GLU A 114 -14.63 -10.95 -17.63
N VAL A 115 -15.49 -9.94 -17.77
CA VAL A 115 -15.40 -8.61 -17.08
C VAL A 115 -15.71 -8.80 -15.60
N THR A 116 -14.79 -8.42 -14.71
CA THR A 116 -14.95 -8.57 -13.24
C THR A 116 -15.14 -7.19 -12.60
N GLY A 117 -14.69 -6.12 -13.24
CA GLY A 117 -15.12 -4.79 -12.83
C GLY A 117 -14.87 -3.78 -13.92
N ARG A 118 -15.31 -2.53 -13.68
CA ARG A 118 -15.11 -1.41 -14.62
C ARG A 118 -15.20 -0.08 -13.87
N ALA A 119 -14.50 0.95 -14.36
CA ALA A 119 -14.37 2.23 -13.65
C ALA A 119 -14.34 3.39 -14.65
N THR A 120 -14.74 4.54 -14.16
CA THR A 120 -14.73 5.78 -14.93
C THR A 120 -14.38 6.90 -13.96
N SER A 121 -13.75 7.96 -14.46
CA SER A 121 -13.30 9.16 -13.70
C SER A 121 -13.30 10.40 -14.59
N LYS A 122 -13.72 11.56 -14.05
CA LYS A 122 -13.66 12.87 -14.76
C LYS A 122 -12.44 13.61 -14.20
N TRP A 123 -11.66 14.17 -15.09
CA TRP A 123 -10.50 15.01 -14.74
C TRP A 123 -10.79 16.42 -15.25
N VAL A 124 -10.51 17.43 -14.42
CA VAL A 124 -10.67 18.87 -14.74
C VAL A 124 -9.28 19.51 -14.79
N MET A 125 -9.08 20.48 -15.67
CA MET A 125 -7.81 21.23 -15.80
C MET A 125 -7.83 22.39 -14.82
N MET A 126 -6.70 22.62 -14.14
CA MET A 126 -6.55 23.50 -12.96
C MET A 126 -5.19 24.20 -13.02
N ASN A 127 -5.09 25.43 -12.50
CA ASN A 127 -3.79 26.08 -12.25
C ASN A 127 -3.18 25.49 -10.97
N GLN A 128 -2.05 24.81 -11.12
CA GLN A 128 -1.16 24.24 -10.06
C GLN A 128 -1.07 25.14 -8.82
N ASP A 129 -0.85 26.45 -9.00
CA ASP A 129 -0.59 27.39 -7.87
C ASP A 129 -1.84 28.07 -7.30
N THR A 130 -2.68 28.64 -8.17
CA THR A 130 -3.89 29.42 -7.80
C THR A 130 -5.06 28.48 -7.47
N ARG A 131 -4.96 27.20 -7.83
CA ARG A 131 -5.99 26.15 -7.61
C ARG A 131 -7.30 26.56 -8.30
N ARG A 132 -7.21 27.25 -9.44
CA ARG A 132 -8.38 27.79 -10.18
C ARG A 132 -8.67 26.93 -11.41
N LEU A 133 -9.84 26.30 -11.44
CA LEU A 133 -10.34 25.48 -12.59
C LEU A 133 -10.50 26.39 -13.80
N GLN A 134 -10.21 25.88 -14.99
CA GLN A 134 -10.45 26.57 -16.28
C GLN A 134 -10.87 25.56 -17.34
N LYS A 135 -11.71 26.00 -18.29
CA LYS A 135 -12.13 25.24 -19.49
C LYS A 135 -10.88 24.90 -20.33
N VAL A 136 -10.95 23.82 -21.11
CA VAL A 136 -9.82 23.30 -21.93
C VAL A 136 -9.80 24.04 -23.27
N SER A 137 -8.64 24.56 -23.66
CA SER A 137 -8.41 25.32 -24.92
C SER A 137 -8.09 24.35 -26.06
N ASP A 138 -8.09 24.85 -27.31
CA ASP A 138 -7.84 24.07 -28.56
C ASP A 138 -6.43 23.48 -28.55
N ASP A 139 -5.42 24.31 -28.33
CA ASP A 139 -3.97 23.93 -28.33
C ASP A 139 -3.78 22.65 -27.50
N VAL A 140 -4.35 22.61 -26.30
CA VAL A 140 -4.22 21.48 -25.33
C VAL A 140 -5.00 20.28 -25.86
N ARG A 141 -6.23 20.51 -26.34
CA ARG A 141 -7.16 19.47 -26.85
C ARG A 141 -6.52 18.78 -28.06
N ASP A 142 -5.95 19.56 -28.98
CA ASP A 142 -5.37 19.10 -30.29
C ASP A 142 -4.12 18.24 -30.04
N GLU A 143 -3.44 18.43 -28.90
CA GLU A 143 -2.20 17.69 -28.52
C GLU A 143 -2.52 16.27 -28.03
N TYR A 144 -3.67 16.05 -27.39
CA TYR A 144 -4.04 14.76 -26.75
C TYR A 144 -5.15 14.02 -27.52
N LEU A 145 -5.86 14.69 -28.44
CA LEU A 145 -7.00 14.07 -29.18
C LEU A 145 -6.49 12.92 -30.07
N VAL A 146 -5.23 13.00 -30.53
CA VAL A 146 -4.56 11.96 -31.37
C VAL A 146 -4.33 10.68 -30.54
N PHE A 147 -4.43 10.75 -29.22
CA PHE A 147 -4.21 9.60 -28.29
C PHE A 147 -5.55 9.10 -27.73
N CYS A 148 -6.67 9.60 -28.27
CA CYS A 148 -8.03 9.20 -27.80
C CYS A 148 -8.83 8.59 -28.95
N PRO A 149 -9.59 7.51 -28.70
CA PRO A 149 -10.54 7.01 -29.68
C PRO A 149 -11.43 8.19 -30.12
N GLN A 150 -11.67 8.27 -31.42
CA GLN A 150 -12.39 9.40 -32.06
C GLN A 150 -13.90 9.17 -31.82
N GLU A 151 -14.38 7.95 -32.07
CA GLU A 151 -15.77 7.53 -31.72
C GLU A 151 -15.88 7.43 -30.20
N PRO A 152 -17.08 7.66 -29.63
CA PRO A 152 -17.27 7.45 -28.18
C PRO A 152 -17.14 5.96 -27.81
N ARG A 153 -16.34 5.68 -26.79
CA ARG A 153 -16.14 4.34 -26.18
C ARG A 153 -16.36 4.48 -24.66
N LEU A 154 -17.41 3.88 -24.11
CA LEU A 154 -17.85 4.17 -22.72
C LEU A 154 -17.80 2.85 -21.94
N ALA A 155 -17.08 2.85 -20.82
CA ALA A 155 -17.04 1.71 -19.86
C ALA A 155 -18.43 1.51 -19.27
N PHE A 156 -19.17 2.61 -19.07
CA PHE A 156 -20.55 2.65 -18.55
C PHE A 156 -21.47 3.20 -19.65
N PRO A 157 -21.78 2.40 -20.69
CA PRO A 157 -22.57 2.89 -21.82
C PRO A 157 -24.00 3.31 -21.43
N GLU A 158 -24.70 2.50 -20.61
CA GLU A 158 -26.15 2.63 -20.27
C GLU A 158 -26.57 4.11 -20.26
N GLU A 159 -27.68 4.43 -20.95
CA GLU A 159 -28.15 5.82 -21.26
C GLU A 159 -28.47 6.57 -19.95
N ASN A 160 -28.76 5.85 -18.87
CA ASN A 160 -28.78 6.38 -17.48
C ASN A 160 -28.15 5.35 -16.54
N ASN A 161 -26.82 5.35 -16.47
CA ASN A 161 -25.99 4.52 -15.54
C ASN A 161 -25.80 5.31 -14.24
N ARG A 162 -25.08 4.75 -13.25
CA ARG A 162 -25.03 5.26 -11.86
C ARG A 162 -23.69 5.98 -11.58
N SER A 163 -23.04 6.53 -12.61
CA SER A 163 -21.77 7.31 -12.49
C SER A 163 -22.01 8.82 -12.62
N LEU A 164 -23.17 9.24 -13.15
CA LEU A 164 -23.47 10.65 -13.54
C LEU A 164 -24.72 11.18 -12.81
N LYS A 165 -25.05 10.62 -11.65
CA LYS A 165 -26.17 11.07 -10.76
C LYS A 165 -25.61 12.03 -9.72
N LYS A 166 -26.43 12.95 -9.20
CA LYS A 166 -26.00 14.05 -8.28
C LYS A 166 -25.94 13.53 -6.83
N ILE A 167 -24.79 13.70 -6.16
CA ILE A 167 -24.56 13.27 -4.75
C ILE A 167 -24.91 14.41 -3.81
N PRO A 168 -25.93 14.27 -2.93
CA PRO A 168 -26.31 15.33 -2.02
C PRO A 168 -25.40 15.36 -0.78
N LYS A 169 -25.42 16.49 -0.06
CA LYS A 169 -24.61 16.71 1.16
C LYS A 169 -25.29 16.04 2.36
N LEU A 170 -24.58 15.13 3.03
CA LEU A 170 -25.05 14.45 4.25
C LEU A 170 -25.36 15.55 5.29
N GLU A 171 -26.43 15.36 6.06
CA GLU A 171 -26.93 16.34 7.07
C GLU A 171 -26.66 15.81 8.47
N ASP A 172 -26.06 16.65 9.33
CA ASP A 172 -25.88 16.38 10.78
C ASP A 172 -27.26 16.20 11.42
N PRO A 173 -27.47 15.21 12.32
CA PRO A 173 -26.44 14.26 12.73
C PRO A 173 -26.25 13.07 11.77
N ALA A 174 -25.00 12.63 11.59
CA ALA A 174 -24.65 11.44 10.77
C ALA A 174 -24.94 10.19 11.61
N GLN A 175 -25.30 9.09 10.94
CA GLN A 175 -25.61 7.80 11.59
C GLN A 175 -24.31 7.20 12.18
N TYR A 176 -23.26 7.17 11.37
CA TYR A 176 -21.92 6.62 11.72
C TYR A 176 -20.86 7.69 11.45
N SER A 177 -19.76 7.62 12.20
CA SER A 177 -18.61 8.55 12.08
C SER A 177 -17.32 7.87 12.52
N MET A 178 -16.21 8.19 11.85
CA MET A 178 -14.83 7.94 12.31
C MET A 178 -14.10 9.28 12.38
N ILE A 179 -13.54 9.63 13.54
CA ILE A 179 -13.04 10.98 13.92
C ILE A 179 -11.51 11.00 13.90
N GLY A 180 -10.92 12.16 13.57
CA GLY A 180 -9.47 12.40 13.68
C GLY A 180 -8.62 11.57 12.78
N LEU A 181 -8.96 11.46 11.49
CA LEU A 181 -8.17 10.69 10.50
C LEU A 181 -7.09 11.59 9.90
N LYS A 182 -5.83 11.17 10.02
CA LYS A 182 -4.62 11.88 9.50
C LYS A 182 -3.94 11.03 8.44
N PRO A 183 -3.40 11.61 7.34
CA PRO A 183 -2.55 10.87 6.41
C PRO A 183 -1.12 10.74 6.98
N ARG A 184 -0.47 9.58 6.75
CA ARG A 184 0.98 9.37 7.08
C ARG A 184 1.77 9.55 5.79
N ARG A 185 3.10 9.54 5.90
CA ARG A 185 4.00 9.92 4.78
C ARG A 185 3.82 8.92 3.63
N ALA A 186 3.32 7.70 3.90
CA ALA A 186 3.12 6.67 2.85
C ALA A 186 1.85 6.97 2.05
N ASP A 187 0.97 7.83 2.57
CA ASP A 187 -0.27 8.31 1.90
C ASP A 187 0.07 9.43 0.91
N LEU A 188 1.33 9.89 0.84
CA LEU A 188 1.73 11.05 -0.02
C LEU A 188 2.45 10.55 -1.28
N ASP A 189 2.02 11.05 -2.45
CA ASP A 189 2.66 10.83 -3.76
C ASP A 189 4.06 11.48 -3.66
N MET A 190 4.83 11.39 -4.75
CA MET A 190 6.21 11.96 -4.85
C MET A 190 6.19 13.50 -4.73
N ASN A 191 5.04 14.14 -4.95
CA ASN A 191 4.85 15.62 -4.91
C ASN A 191 4.30 16.06 -3.54
N GLN A 192 4.15 15.14 -2.59
CA GLN A 192 3.67 15.37 -1.19
C GLN A 192 2.18 15.76 -1.19
N HIS A 193 1.42 15.34 -2.21
CA HIS A 193 -0.06 15.41 -2.26
C HIS A 193 -0.64 14.08 -1.79
N VAL A 194 -1.62 14.11 -0.90
CA VAL A 194 -2.35 12.89 -0.42
C VAL A 194 -2.89 12.08 -1.62
N ASN A 195 -2.56 10.78 -1.67
CA ASN A 195 -2.99 9.82 -2.73
C ASN A 195 -4.52 9.83 -2.80
N ASN A 196 -5.08 9.70 -4.01
CA ASN A 196 -6.57 9.68 -4.23
C ASN A 196 -7.23 8.45 -3.57
N VAL A 197 -6.52 7.32 -3.54
CA VAL A 197 -7.01 6.02 -2.98
C VAL A 197 -7.19 6.14 -1.46
N THR A 198 -6.41 7.00 -0.77
CA THR A 198 -6.50 7.27 0.70
C THR A 198 -7.90 7.82 1.04
N TYR A 199 -8.48 8.73 0.23
CA TYR A 199 -9.87 9.22 0.50
C TYR A 199 -10.85 8.05 0.47
N ILE A 200 -10.62 7.06 -0.40
CA ILE A 200 -11.47 5.84 -0.48
C ILE A 200 -11.39 5.14 0.87
N GLY A 201 -10.18 4.94 1.41
CA GLY A 201 -10.02 4.30 2.75
C GLY A 201 -10.78 5.07 3.83
N TRP A 202 -10.67 6.39 3.78
CA TRP A 202 -11.25 7.28 4.81
C TRP A 202 -12.79 7.17 4.79
N VAL A 203 -13.38 7.18 3.57
CA VAL A 203 -14.85 7.06 3.37
C VAL A 203 -15.32 5.74 4.00
N LEU A 204 -14.60 4.65 3.71
CA LEU A 204 -14.98 3.27 4.14
C LEU A 204 -14.74 3.08 5.65
N GLU A 205 -13.90 3.92 6.27
CA GLU A 205 -13.60 3.83 7.74
C GLU A 205 -14.86 3.90 8.64
N SER A 206 -15.88 4.64 8.20
CA SER A 206 -17.14 4.87 8.96
C SER A 206 -18.25 3.91 8.50
N ILE A 207 -17.95 2.96 7.62
CA ILE A 207 -18.93 1.88 7.25
C ILE A 207 -19.00 0.97 8.47
N PRO A 208 -20.18 0.50 8.89
CA PRO A 208 -20.27 -0.30 10.11
C PRO A 208 -19.69 -1.72 9.91
N GLN A 209 -19.13 -2.29 10.97
CA GLN A 209 -18.51 -3.64 10.98
C GLN A 209 -19.55 -4.70 10.56
N GLU A 210 -20.78 -4.59 11.07
CA GLU A 210 -21.94 -5.44 10.72
C GLU A 210 -22.01 -5.62 9.19
N ILE A 211 -21.84 -4.52 8.45
CA ILE A 211 -21.96 -4.51 6.96
C ILE A 211 -20.72 -5.16 6.34
N VAL A 212 -19.54 -4.81 6.80
CA VAL A 212 -18.26 -5.50 6.38
C VAL A 212 -18.36 -7.03 6.54
N ASP A 213 -19.05 -7.48 7.59
CA ASP A 213 -19.17 -8.91 8.00
C ASP A 213 -20.16 -9.64 7.10
N THR A 214 -21.28 -8.99 6.72
CA THR A 214 -22.44 -9.63 6.05
C THR A 214 -22.55 -9.24 4.57
N HIS A 215 -21.91 -8.14 4.14
CA HIS A 215 -22.02 -7.63 2.75
C HIS A 215 -20.65 -7.40 2.10
N GLU A 216 -20.64 -7.31 0.77
CA GLU A 216 -19.45 -6.97 -0.06
C GLU A 216 -19.75 -5.71 -0.87
N LEU A 217 -18.75 -4.87 -1.09
CA LEU A 217 -18.89 -3.61 -1.89
C LEU A 217 -18.93 -3.89 -3.41
N GLN A 218 -19.95 -3.36 -4.10
CA GLN A 218 -20.18 -3.45 -5.57
C GLN A 218 -19.81 -2.12 -6.24
N VAL A 219 -20.42 -1.03 -5.78
CA VAL A 219 -20.25 0.33 -6.39
C VAL A 219 -19.84 1.38 -5.35
N ILE A 220 -18.85 2.21 -5.70
CA ILE A 220 -18.49 3.45 -4.96
C ILE A 220 -18.38 4.59 -5.99
N THR A 221 -18.97 5.75 -5.67
CA THR A 221 -18.89 7.02 -6.43
C THR A 221 -18.40 8.12 -5.47
N LEU A 222 -17.35 8.85 -5.85
CA LEU A 222 -16.65 9.81 -4.95
C LEU A 222 -16.37 11.12 -5.69
N ASP A 223 -16.93 12.24 -5.22
CA ASP A 223 -16.64 13.62 -5.72
C ASP A 223 -15.47 14.21 -4.93
N TYR A 224 -14.52 14.84 -5.61
CA TYR A 224 -13.36 15.51 -5.00
C TYR A 224 -13.64 17.02 -5.07
N ARG A 225 -13.77 17.66 -3.91
CA ARG A 225 -14.08 19.11 -3.79
C ARG A 225 -12.78 19.87 -3.53
N ARG A 226 -11.98 19.38 -2.58
CA ARG A 226 -10.81 20.08 -1.98
C ARG A 226 -9.79 19.03 -1.55
N GLU A 227 -8.51 19.23 -1.84
CA GLU A 227 -7.46 18.27 -1.42
C GLU A 227 -7.19 18.45 0.08
N CYS A 228 -6.83 17.37 0.78
CA CYS A 228 -6.45 17.38 2.21
C CYS A 228 -4.92 17.44 2.20
N GLN A 229 -4.36 18.39 2.95
CA GLN A 229 -2.89 18.63 3.02
C GLN A 229 -2.27 17.68 4.06
N GLN A 230 -0.95 17.62 4.10
CA GLN A 230 -0.17 16.67 4.96
C GLN A 230 -0.55 16.78 6.44
N ASP A 231 -0.87 18.01 6.91
CA ASP A 231 -1.13 18.36 8.34
C ASP A 231 -2.63 18.59 8.61
N ASP A 232 -3.52 18.17 7.69
CA ASP A 232 -4.98 18.22 7.92
C ASP A 232 -5.44 16.97 8.69
N VAL A 233 -6.57 17.12 9.37
CA VAL A 233 -7.37 16.08 10.09
C VAL A 233 -8.74 16.01 9.39
N VAL A 234 -9.25 14.80 9.18
CA VAL A 234 -10.53 14.52 8.45
C VAL A 234 -11.48 13.72 9.36
N ASP A 235 -12.77 14.06 9.32
CA ASP A 235 -13.82 13.22 9.94
C ASP A 235 -14.57 12.55 8.77
N SER A 236 -14.89 11.27 8.93
CA SER A 236 -15.61 10.43 7.93
C SER A 236 -17.04 10.15 8.43
N LEU A 237 -18.04 10.65 7.71
CA LEU A 237 -19.49 10.56 8.05
C LEU A 237 -20.19 9.62 7.05
N THR A 238 -21.12 8.79 7.54
CA THR A 238 -21.86 7.81 6.71
C THR A 238 -23.25 7.65 7.34
N THR A 239 -24.28 7.58 6.50
CA THR A 239 -25.71 7.39 6.88
C THR A 239 -26.32 6.42 5.85
N THR A 240 -27.10 5.44 6.32
CA THR A 240 -27.86 4.48 5.47
C THR A 240 -28.90 5.28 4.69
N THR A 241 -29.14 4.94 3.42
CA THR A 241 -30.21 5.56 2.57
C THR A 241 -31.21 4.49 2.09
N SER A 242 -31.00 3.22 2.47
CA SER A 242 -31.94 2.10 2.27
C SER A 242 -32.29 1.46 3.62
N ASN A 259 -32.26 -6.59 0.24
CA ASN A 259 -30.97 -7.33 0.16
C ASN A 259 -29.81 -6.32 0.10
N ASP A 260 -29.86 -5.38 -0.84
CA ASP A 260 -28.78 -4.37 -1.08
C ASP A 260 -28.79 -3.31 0.03
N SER A 261 -27.62 -2.76 0.35
CA SER A 261 -27.46 -1.64 1.32
C SER A 261 -26.79 -0.46 0.59
N GLN A 262 -27.35 0.74 0.78
CA GLN A 262 -26.84 2.03 0.22
C GLN A 262 -26.46 2.97 1.38
N PHE A 263 -25.41 3.77 1.19
CA PHE A 263 -24.87 4.71 2.20
C PHE A 263 -24.52 6.04 1.53
N LEU A 264 -24.81 7.14 2.20
CA LEU A 264 -24.37 8.50 1.78
C LEU A 264 -23.10 8.81 2.60
N HIS A 265 -22.05 9.37 1.97
CA HIS A 265 -20.74 9.63 2.61
C HIS A 265 -20.33 11.11 2.55
N LEU A 266 -19.54 11.56 3.52
CA LEU A 266 -18.90 12.90 3.53
C LEU A 266 -17.60 12.83 4.33
N LEU A 267 -16.49 13.27 3.74
CA LEU A 267 -15.24 13.71 4.42
C LEU A 267 -15.28 15.23 4.58
N ARG A 268 -14.90 15.72 5.75
CA ARG A 268 -14.75 17.17 6.03
C ARG A 268 -13.67 17.36 7.08
N LEU A 269 -12.99 18.51 7.04
CA LEU A 269 -11.90 18.88 7.98
C LEU A 269 -12.46 18.88 9.41
N SER A 270 -11.79 18.16 10.32
CA SER A 270 -12.26 17.84 11.69
C SER A 270 -12.55 19.11 12.49
N GLY A 271 -11.83 20.20 12.19
CA GLY A 271 -12.04 21.54 12.77
C GLY A 271 -13.33 22.18 12.27
N ASP A 272 -13.21 23.07 11.28
CA ASP A 272 -14.29 23.97 10.81
C ASP A 272 -15.31 23.21 9.93
N GLY A 273 -15.05 21.95 9.58
CA GLY A 273 -16.05 21.13 8.86
C GLY A 273 -16.13 21.44 7.36
N GLN A 274 -15.05 22.02 6.80
CA GLN A 274 -14.84 22.26 5.35
C GLN A 274 -14.92 20.90 4.63
N GLU A 275 -15.78 20.81 3.59
CA GLU A 275 -15.98 19.57 2.81
C GLU A 275 -14.77 19.37 1.90
N ILE A 276 -14.23 18.15 1.87
CA ILE A 276 -13.14 17.72 0.94
C ILE A 276 -13.67 16.66 -0.04
N ASN A 277 -14.61 15.81 0.39
CA ASN A 277 -15.18 14.71 -0.43
C ASN A 277 -16.63 14.44 -0.01
N ARG A 278 -17.45 13.96 -0.97
CA ARG A 278 -18.78 13.37 -0.68
C ARG A 278 -18.92 12.16 -1.61
N GLY A 279 -19.72 11.17 -1.25
CA GLY A 279 -19.88 9.98 -2.10
C GLY A 279 -21.00 9.05 -1.67
N THR A 280 -21.24 8.02 -2.48
CA THR A 280 -22.23 6.92 -2.26
C THR A 280 -21.51 5.58 -2.41
N THR A 281 -22.01 4.53 -1.74
CA THR A 281 -21.52 3.14 -1.91
C THR A 281 -22.74 2.22 -1.98
N LEU A 282 -22.60 1.11 -2.70
CA LEU A 282 -23.62 0.04 -2.81
C LEU A 282 -22.98 -1.29 -2.38
N TRP A 283 -23.67 -2.02 -1.52
CA TRP A 283 -23.19 -3.27 -0.87
C TRP A 283 -24.19 -4.39 -1.16
N ARG A 284 -23.72 -5.56 -1.63
CA ARG A 284 -24.59 -6.75 -1.87
C ARG A 284 -24.30 -7.79 -0.79
N LYS A 285 -25.32 -8.59 -0.42
CA LYS A 285 -25.23 -9.67 0.59
C LYS A 285 -24.25 -10.74 0.09
N LYS A 286 -23.26 -11.08 0.91
CA LYS A 286 -22.32 -12.22 0.70
C LYS A 286 -23.12 -13.49 0.38
N GLY B 2 7.86 -15.81 -9.74
CA GLY B 2 9.03 -16.27 -8.96
C GLY B 2 9.09 -17.77 -8.96
N SER B 3 10.22 -18.33 -8.50
CA SER B 3 10.45 -19.79 -8.47
C SER B 3 11.49 -20.16 -7.40
N LEU B 4 11.35 -21.36 -6.83
CA LEU B 4 12.42 -21.99 -6.00
C LEU B 4 13.68 -22.09 -6.88
N THR B 5 14.85 -21.79 -6.34
CA THR B 5 16.13 -21.86 -7.08
C THR B 5 16.37 -23.35 -7.42
N GLU B 6 17.40 -23.63 -8.20
CA GLU B 6 17.76 -25.00 -8.69
C GLU B 6 17.68 -25.99 -7.52
N ASP B 7 18.41 -25.73 -6.43
CA ASP B 7 18.52 -26.68 -5.29
C ASP B 7 17.29 -26.68 -4.36
N GLY B 8 16.21 -25.93 -4.62
CA GLY B 8 14.99 -25.94 -3.78
C GLY B 8 15.25 -25.42 -2.37
N LEU B 9 16.36 -24.69 -2.11
CA LEU B 9 16.67 -24.19 -0.75
C LEU B 9 16.66 -22.65 -0.68
N SER B 10 16.24 -21.95 -1.74
CA SER B 10 15.86 -20.51 -1.68
C SER B 10 14.82 -20.21 -2.75
N TYR B 11 14.23 -19.01 -2.74
CA TYR B 11 13.14 -18.63 -3.69
C TYR B 11 13.44 -17.26 -4.27
N LYS B 12 13.37 -17.12 -5.59
CA LYS B 12 13.72 -15.85 -6.30
C LYS B 12 12.48 -15.26 -6.96
N GLU B 13 12.28 -13.94 -6.87
CA GLU B 13 11.12 -13.28 -7.53
C GLU B 13 11.52 -11.89 -7.99
N LYS B 14 10.98 -11.48 -9.15
CA LYS B 14 11.22 -10.18 -9.81
C LYS B 14 9.99 -9.29 -9.65
N PHE B 15 10.20 -8.02 -9.30
CA PHE B 15 9.15 -6.97 -9.14
C PHE B 15 9.51 -5.76 -10.00
N VAL B 16 8.51 -5.15 -10.65
CA VAL B 16 8.66 -3.91 -11.46
C VAL B 16 8.08 -2.83 -10.55
N VAL B 17 8.87 -1.86 -10.15
CA VAL B 17 8.48 -0.84 -9.14
C VAL B 17 7.39 0.05 -9.78
N ARG B 18 6.29 0.29 -9.04
CA ARG B 18 5.02 0.94 -9.48
C ARG B 18 4.91 2.41 -9.05
N SER B 19 4.06 3.20 -9.69
CA SER B 19 4.05 4.68 -9.54
C SER B 19 3.74 5.03 -8.10
N TYR B 20 2.72 4.37 -7.53
CA TYR B 20 2.20 4.62 -6.16
C TYR B 20 3.16 4.06 -5.10
N GLU B 21 4.18 3.30 -5.52
CA GLU B 21 5.15 2.66 -4.60
C GLU B 21 6.30 3.61 -4.28
N VAL B 22 6.45 4.77 -4.96
CA VAL B 22 7.65 5.67 -4.80
C VAL B 22 7.33 6.87 -3.92
N GLY B 23 8.32 7.31 -3.14
CA GLY B 23 8.21 8.47 -2.23
C GLY B 23 8.82 9.75 -2.76
N SER B 24 9.25 10.61 -1.84
CA SER B 24 9.66 12.02 -2.05
C SER B 24 10.85 12.14 -2.99
N ASN B 25 11.67 11.08 -3.14
CA ASN B 25 12.89 11.10 -4.00
C ASN B 25 12.68 10.18 -5.21
N LYS B 26 11.43 10.03 -5.66
CA LYS B 26 11.04 9.29 -6.89
C LYS B 26 11.65 7.88 -6.86
N THR B 27 11.85 7.33 -5.67
CA THR B 27 12.35 5.95 -5.43
C THR B 27 11.44 5.25 -4.42
N ALA B 28 11.48 3.92 -4.39
CA ALA B 28 10.60 3.04 -3.57
C ALA B 28 10.74 3.41 -2.08
N THR B 29 9.63 3.38 -1.35
CA THR B 29 9.64 3.60 0.12
C THR B 29 10.16 2.31 0.77
N VAL B 30 10.71 2.39 1.97
CA VAL B 30 11.13 1.19 2.74
C VAL B 30 9.87 0.39 3.10
N GLU B 31 8.72 1.03 3.12
CA GLU B 31 7.42 0.37 3.36
C GLU B 31 7.09 -0.48 2.15
N THR B 32 7.30 0.01 0.93
CA THR B 32 7.08 -0.83 -0.26
C THR B 32 8.09 -2.00 -0.19
N ILE B 33 9.37 -1.71 0.02
CA ILE B 33 10.43 -2.76 0.05
C ILE B 33 9.94 -3.83 1.01
N ALA B 34 9.53 -3.43 2.21
CA ALA B 34 9.04 -4.31 3.28
C ALA B 34 7.86 -5.13 2.76
N ASN B 35 6.98 -4.51 1.97
CA ASN B 35 5.83 -5.24 1.41
C ASN B 35 6.33 -6.36 0.49
N LEU B 36 7.28 -6.06 -0.41
CA LEU B 36 7.80 -7.02 -1.40
C LEU B 36 8.55 -8.15 -0.67
N LEU B 37 9.20 -7.85 0.47
CA LEU B 37 9.88 -8.87 1.32
C LEU B 37 8.85 -9.89 1.80
N GLN B 38 7.71 -9.43 2.33
CA GLN B 38 6.61 -10.29 2.81
C GLN B 38 6.05 -11.09 1.62
N GLU B 39 5.78 -10.42 0.51
CA GLU B 39 5.23 -11.06 -0.72
C GLU B 39 6.05 -12.29 -1.15
N VAL B 40 7.37 -12.14 -1.27
CA VAL B 40 8.31 -13.22 -1.69
C VAL B 40 8.40 -14.26 -0.57
N GLY B 41 8.34 -13.83 0.70
CA GLY B 41 8.23 -14.75 1.84
C GLY B 41 6.98 -15.61 1.73
N CYS B 42 5.82 -15.03 1.48
CA CYS B 42 4.57 -15.81 1.23
C CYS B 42 4.74 -16.76 0.05
N ASN B 43 5.22 -16.25 -1.06
CA ASN B 43 5.43 -17.08 -2.29
C ASN B 43 6.35 -18.28 -1.96
N HIS B 44 7.43 -18.13 -1.19
CA HIS B 44 8.35 -19.23 -0.81
C HIS B 44 7.61 -20.31 0.02
N ALA B 45 6.87 -19.86 1.05
CA ALA B 45 6.13 -20.71 2.02
C ALA B 45 5.04 -21.53 1.31
N GLN B 46 4.43 -20.97 0.25
CA GLN B 46 3.39 -21.64 -0.56
C GLN B 46 4.04 -22.69 -1.48
N SER B 47 5.20 -22.36 -2.04
CA SER B 47 5.91 -23.17 -3.06
C SER B 47 6.37 -24.51 -2.47
N VAL B 48 6.48 -24.61 -1.13
CA VAL B 48 6.93 -25.85 -0.42
C VAL B 48 5.86 -26.31 0.57
N GLY B 49 4.62 -25.84 0.42
CA GLY B 49 3.41 -26.45 1.01
C GLY B 49 3.05 -25.94 2.41
N PHE B 50 3.76 -24.94 2.93
CA PHE B 50 3.44 -24.30 4.23
C PHE B 50 2.22 -23.37 4.07
N SER B 51 1.71 -22.85 5.19
CA SER B 51 0.52 -21.96 5.26
C SER B 51 0.81 -20.60 4.62
N THR B 52 -0.25 -19.93 4.16
CA THR B 52 -0.22 -18.67 3.39
C THR B 52 -0.88 -17.54 4.21
N ASP B 53 -1.10 -17.76 5.51
CA ASP B 53 -1.87 -16.87 6.42
C ASP B 53 -0.98 -15.73 6.94
N GLY B 54 0.33 -15.76 6.66
CA GLY B 54 1.33 -14.93 7.34
C GLY B 54 1.96 -15.66 8.51
N PHE B 55 1.24 -16.65 9.09
CA PHE B 55 1.64 -17.45 10.27
C PHE B 55 2.58 -18.59 9.85
N ALA B 56 2.55 -18.97 8.57
CA ALA B 56 3.44 -19.97 7.91
C ALA B 56 3.40 -21.32 8.64
N THR B 57 2.24 -21.68 9.20
CA THR B 57 2.00 -22.90 10.01
C THR B 57 2.34 -24.15 9.20
N THR B 58 2.80 -25.20 9.91
CA THR B 58 3.01 -26.58 9.41
C THR B 58 1.86 -27.47 9.93
N THR B 59 1.91 -28.77 9.67
CA THR B 59 0.85 -29.76 10.05
C THR B 59 0.81 -29.91 11.57
N THR B 60 1.97 -30.18 12.20
CA THR B 60 2.16 -30.27 13.67
C THR B 60 2.39 -28.87 14.24
N MET B 61 1.48 -27.93 13.91
CA MET B 61 1.47 -26.52 14.39
C MET B 61 0.01 -26.03 14.44
N ARG B 62 -0.74 -26.27 13.36
CA ARG B 62 -2.16 -25.89 13.17
C ARG B 62 -3.03 -26.48 14.28
N LYS B 63 -2.82 -27.77 14.59
CA LYS B 63 -3.67 -28.53 15.56
C LYS B 63 -3.23 -28.20 17.00
N LEU B 64 -1.97 -27.78 17.19
CA LEU B 64 -1.47 -27.27 18.50
C LEU B 64 -1.71 -25.76 18.61
N HIS B 65 -2.39 -25.17 17.61
CA HIS B 65 -2.79 -23.74 17.57
C HIS B 65 -1.55 -22.84 17.69
N LEU B 66 -0.45 -23.23 17.04
CA LEU B 66 0.87 -22.57 17.12
C LEU B 66 1.09 -21.76 15.84
N ILE B 67 1.65 -20.55 15.96
CA ILE B 67 1.93 -19.63 14.81
C ILE B 67 3.35 -19.06 14.95
N TRP B 68 3.98 -18.75 13.82
CA TRP B 68 5.22 -17.94 13.73
C TRP B 68 4.86 -16.47 13.88
N VAL B 69 5.60 -15.73 14.70
CA VAL B 69 5.42 -14.28 14.97
C VAL B 69 6.80 -13.61 14.87
N THR B 70 6.89 -12.48 14.15
CA THR B 70 8.13 -11.68 14.00
C THR B 70 8.49 -11.08 15.37
N ALA B 71 9.67 -11.46 15.90
CA ALA B 71 10.25 -10.88 17.11
C ALA B 71 11.04 -9.65 16.68
N ARG B 72 11.65 -9.71 15.50
CA ARG B 72 12.64 -8.69 15.06
C ARG B 72 12.81 -8.69 13.54
N MET B 73 13.08 -7.50 12.97
CA MET B 73 13.29 -7.28 11.52
C MET B 73 14.42 -6.25 11.43
N HIS B 74 15.31 -6.38 10.45
CA HIS B 74 16.48 -5.50 10.26
C HIS B 74 16.67 -5.33 8.75
N ILE B 75 16.59 -4.09 8.24
CA ILE B 75 16.74 -3.86 6.79
C ILE B 75 17.83 -2.82 6.55
N GLU B 76 18.68 -3.04 5.54
N GLU B 76 18.70 -3.07 5.55
N GLU B 76 18.71 -3.06 5.57
CA GLU B 76 19.73 -2.08 5.10
CA GLU B 76 19.73 -2.13 5.07
CA GLU B 76 19.73 -2.09 5.10
C GLU B 76 19.68 -1.91 3.58
C GLU B 76 19.55 -1.94 3.56
C GLU B 76 19.61 -1.92 3.58
N ILE B 77 19.37 -0.69 3.12
CA ILE B 77 19.23 -0.33 1.67
C ILE B 77 20.38 0.54 1.20
N TYR B 78 21.10 0.12 0.15
CA TYR B 78 22.21 0.87 -0.48
C TYR B 78 21.63 1.83 -1.54
N LYS B 79 20.79 1.27 -2.43
CA LYS B 79 20.02 2.01 -3.46
C LYS B 79 18.54 1.65 -3.31
N TYR B 80 17.65 2.63 -3.41
CA TYR B 80 16.18 2.41 -3.48
C TYR B 80 15.79 2.34 -4.95
N PRO B 81 15.09 1.28 -5.40
CA PRO B 81 14.82 1.12 -6.83
C PRO B 81 13.88 2.23 -7.33
N ALA B 82 14.22 2.83 -8.48
CA ALA B 82 13.45 3.88 -9.17
C ALA B 82 12.18 3.28 -9.79
N TRP B 83 11.21 4.14 -10.14
CA TRP B 83 9.92 3.71 -10.76
C TRP B 83 10.15 3.09 -12.16
N GLY B 84 9.57 1.92 -12.41
CA GLY B 84 9.88 1.10 -13.59
C GLY B 84 11.15 0.26 -13.46
N ASP B 85 12.03 0.48 -12.48
CA ASP B 85 13.19 -0.45 -12.31
C ASP B 85 12.73 -1.87 -11.93
N VAL B 86 13.39 -2.89 -12.50
CA VAL B 86 13.15 -4.32 -12.20
C VAL B 86 14.11 -4.74 -11.09
N VAL B 87 13.56 -5.20 -9.97
CA VAL B 87 14.34 -5.62 -8.76
C VAL B 87 14.14 -7.13 -8.60
N GLU B 88 15.19 -7.86 -8.22
CA GLU B 88 15.12 -9.31 -7.91
C GLU B 88 15.41 -9.48 -6.41
N ILE B 89 14.52 -10.21 -5.71
CA ILE B 89 14.66 -10.54 -4.28
C ILE B 89 14.77 -12.05 -4.18
N GLU B 90 15.86 -12.54 -3.59
CA GLU B 90 16.04 -13.95 -3.18
C GLU B 90 15.82 -14.05 -1.66
N THR B 91 15.07 -15.06 -1.21
CA THR B 91 14.80 -15.29 0.23
C THR B 91 15.06 -16.76 0.60
N TRP B 92 15.51 -16.95 1.82
CA TRP B 92 15.59 -18.29 2.39
C TRP B 92 15.27 -18.21 3.88
N CYS B 93 14.99 -19.37 4.44
CA CYS B 93 14.64 -19.59 5.86
C CYS B 93 15.75 -20.43 6.49
N GLN B 94 15.94 -20.35 7.80
CA GLN B 94 17.01 -21.11 8.50
C GLN B 94 16.67 -21.28 9.99
N SER B 95 16.89 -22.50 10.51
CA SER B 95 16.69 -22.91 11.92
C SER B 95 17.70 -22.20 12.82
N GLU B 96 17.29 -21.78 14.02
CA GLU B 96 18.20 -21.19 15.03
C GLU B 96 17.99 -22.00 16.30
N GLY B 97 18.52 -23.23 16.32
CA GLY B 97 18.34 -24.18 17.42
C GLY B 97 16.87 -24.41 17.68
N ARG B 98 16.39 -24.17 18.90
CA ARG B 98 14.96 -24.24 19.29
C ARG B 98 14.49 -22.85 19.74
N ILE B 99 15.32 -21.83 19.55
CA ILE B 99 15.02 -20.41 19.90
C ILE B 99 13.93 -19.91 18.93
N GLY B 100 13.98 -20.35 17.68
CA GLY B 100 13.03 -20.00 16.61
C GLY B 100 13.62 -20.19 15.23
N THR B 101 13.11 -19.43 14.25
CA THR B 101 13.52 -19.47 12.83
C THR B 101 13.97 -18.07 12.40
N ARG B 102 14.81 -18.00 11.36
CA ARG B 102 15.34 -16.75 10.76
C ARG B 102 14.99 -16.76 9.26
N ARG B 103 14.47 -15.64 8.75
CA ARG B 103 14.26 -15.45 7.29
C ARG B 103 15.13 -14.28 6.88
N ASP B 104 15.93 -14.48 5.84
CA ASP B 104 16.80 -13.48 5.17
C ASP B 104 16.37 -13.19 3.73
N TRP B 105 16.76 -12.00 3.28
CA TRP B 105 16.53 -11.54 1.90
C TRP B 105 17.78 -10.85 1.37
N ILE B 106 17.95 -10.93 0.06
CA ILE B 106 18.93 -10.15 -0.74
C ILE B 106 18.14 -9.44 -1.86
N LEU B 107 18.33 -8.12 -1.98
N LEU B 107 18.30 -8.12 -1.95
N LEU B 107 18.34 -8.13 -1.99
CA LEU B 107 17.77 -7.30 -3.09
CA LEU B 107 17.78 -7.28 -3.08
CA LEU B 107 17.77 -7.30 -3.09
C LEU B 107 18.87 -6.98 -4.09
C LEU B 107 18.91 -7.05 -4.09
C LEU B 107 18.86 -6.96 -4.09
N LYS B 108 18.63 -7.25 -5.38
CA LYS B 108 19.56 -6.91 -6.49
C LYS B 108 18.86 -6.03 -7.53
N ASP B 109 19.64 -5.17 -8.20
CA ASP B 109 19.21 -4.45 -9.42
C ASP B 109 19.33 -5.54 -10.48
N SER B 110 18.23 -5.80 -11.18
CA SER B 110 18.09 -6.93 -12.14
C SER B 110 19.07 -6.74 -13.32
N VAL B 111 19.33 -5.49 -13.70
CA VAL B 111 20.08 -5.12 -14.94
C VAL B 111 21.59 -5.25 -14.69
N THR B 112 22.09 -4.75 -13.56
CA THR B 112 23.54 -4.74 -13.23
C THR B 112 23.90 -5.93 -12.32
N GLY B 113 22.90 -6.65 -11.78
CA GLY B 113 23.09 -7.79 -10.87
C GLY B 113 23.72 -7.38 -9.53
N GLU B 114 23.78 -6.08 -9.25
CA GLU B 114 24.42 -5.47 -8.05
C GLU B 114 23.49 -5.66 -6.84
N VAL B 115 24.05 -5.87 -5.65
CA VAL B 115 23.27 -5.91 -4.38
C VAL B 115 22.96 -4.47 -3.96
N THR B 116 21.69 -4.14 -3.79
CA THR B 116 21.17 -2.77 -3.50
C THR B 116 20.43 -2.75 -2.17
N GLY B 117 20.20 -3.91 -1.55
CA GLY B 117 19.64 -4.00 -0.20
C GLY B 117 19.70 -5.43 0.32
N ARG B 118 19.59 -5.59 1.64
N ARG B 118 19.59 -5.58 1.64
N ARG B 118 19.61 -5.58 1.64
CA ARG B 118 19.57 -6.91 2.29
CA ARG B 118 19.57 -6.91 2.31
CA ARG B 118 19.52 -6.92 2.28
C ARG B 118 18.83 -6.80 3.64
C ARG B 118 18.80 -6.79 3.62
C ARG B 118 18.74 -6.78 3.59
N ALA B 119 18.19 -7.89 4.07
CA ALA B 119 17.33 -7.89 5.28
C ALA B 119 17.36 -9.25 5.96
N THR B 120 17.16 -9.22 7.27
CA THR B 120 17.05 -10.41 8.13
C THR B 120 15.95 -10.14 9.16
N SER B 121 15.26 -11.19 9.60
CA SER B 121 14.18 -11.14 10.60
C SER B 121 14.19 -12.42 11.44
N LYS B 122 13.92 -12.29 12.74
CA LYS B 122 13.79 -13.42 13.70
C LYS B 122 12.31 -13.65 13.98
N TRP B 123 11.85 -14.88 13.78
CA TRP B 123 10.48 -15.34 14.13
C TRP B 123 10.56 -16.23 15.37
N VAL B 124 9.54 -16.15 16.21
CA VAL B 124 9.37 -16.97 17.45
C VAL B 124 8.03 -17.70 17.31
N MET B 125 7.94 -18.93 17.81
CA MET B 125 6.66 -19.67 17.85
C MET B 125 5.84 -19.15 19.03
N MET B 126 4.51 -19.14 18.87
CA MET B 126 3.54 -18.52 19.81
C MET B 126 2.22 -19.26 19.67
N ASN B 127 1.56 -19.56 20.79
CA ASN B 127 0.16 -20.04 20.78
C ASN B 127 -0.73 -18.81 20.55
N GLN B 128 -1.39 -18.75 19.40
CA GLN B 128 -2.59 -17.90 19.17
C GLN B 128 -3.62 -18.30 20.23
N ASP B 129 -4.41 -17.36 20.75
CA ASP B 129 -5.17 -17.54 22.01
C ASP B 129 -4.19 -17.92 23.12
N THR B 130 -3.73 -16.95 23.91
CA THR B 130 -2.74 -17.04 25.02
C THR B 130 -1.63 -16.02 24.80
N ARG B 131 -1.24 -15.81 23.52
CA ARG B 131 -0.14 -14.92 23.09
C ARG B 131 1.14 -15.32 23.82
N ARG B 132 1.37 -16.63 23.97
CA ARG B 132 2.45 -17.20 24.83
C ARG B 132 3.80 -17.02 24.14
N LEU B 133 4.69 -18.02 24.19
CA LEU B 133 5.86 -18.12 23.30
C LEU B 133 6.22 -19.60 23.10
N GLN B 134 6.99 -20.20 24.01
CA GLN B 134 7.49 -21.60 23.92
C GLN B 134 8.56 -21.72 22.81
N LYS B 135 9.70 -22.29 23.18
CA LYS B 135 10.77 -22.81 22.27
C LYS B 135 10.17 -23.82 21.27
N VAL B 136 10.89 -24.07 20.17
CA VAL B 136 10.47 -24.97 19.07
C VAL B 136 10.81 -26.42 19.48
N SER B 137 9.95 -27.38 19.13
CA SER B 137 10.12 -28.83 19.37
C SER B 137 10.83 -29.47 18.17
N ASP B 138 11.47 -30.64 18.39
CA ASP B 138 12.22 -31.39 17.35
C ASP B 138 11.24 -31.96 16.32
N ASP B 139 9.98 -32.20 16.72
CA ASP B 139 8.92 -32.81 15.87
C ASP B 139 8.52 -31.84 14.75
N VAL B 140 8.56 -30.54 15.03
CA VAL B 140 8.22 -29.43 14.08
C VAL B 140 9.42 -29.23 13.14
N ARG B 141 10.62 -29.16 13.70
CA ARG B 141 11.91 -28.92 13.00
C ARG B 141 12.10 -29.91 11.85
N ASP B 142 11.76 -31.18 12.08
CA ASP B 142 12.00 -32.31 11.13
C ASP B 142 11.37 -32.00 9.76
N GLU B 143 10.23 -31.30 9.73
CA GLU B 143 9.47 -31.07 8.49
C GLU B 143 9.67 -29.64 7.95
N TYR B 144 10.57 -28.82 8.55
CA TYR B 144 10.96 -27.50 7.97
C TYR B 144 12.48 -27.39 7.78
N LEU B 145 13.30 -28.31 8.30
CA LEU B 145 14.78 -28.27 8.11
C LEU B 145 15.13 -28.77 6.70
N VAL B 146 14.27 -29.61 6.10
CA VAL B 146 14.44 -30.11 4.70
C VAL B 146 14.24 -28.97 3.69
N PHE B 147 13.79 -27.79 4.13
CA PHE B 147 13.51 -26.63 3.24
C PHE B 147 14.51 -25.49 3.51
N CYS B 148 15.48 -25.70 4.41
CA CYS B 148 16.51 -24.71 4.78
C CYS B 148 17.89 -25.18 4.31
N PRO B 149 18.79 -24.28 3.85
CA PRO B 149 20.18 -24.65 3.67
C PRO B 149 20.71 -25.24 4.99
N GLN B 150 21.43 -26.36 4.91
CA GLN B 150 21.92 -27.13 6.08
C GLN B 150 23.16 -26.42 6.66
N GLU B 151 24.05 -25.94 5.78
CA GLU B 151 25.21 -25.09 6.20
C GLU B 151 24.71 -23.67 6.42
N PRO B 152 25.26 -22.89 7.37
CA PRO B 152 24.75 -21.56 7.64
C PRO B 152 24.88 -20.65 6.42
N ARG B 153 23.84 -19.85 6.17
CA ARG B 153 23.78 -18.85 5.07
C ARG B 153 23.19 -17.56 5.65
N LEU B 154 23.97 -16.48 5.64
CA LEU B 154 23.60 -15.23 6.35
C LEU B 154 23.64 -14.03 5.42
N ALA B 155 22.50 -13.34 5.31
CA ALA B 155 22.41 -11.99 4.69
C ALA B 155 23.44 -11.04 5.29
N PHE B 156 23.60 -11.08 6.62
CA PHE B 156 24.53 -10.22 7.40
C PHE B 156 25.56 -11.11 8.09
N PRO B 157 26.50 -11.73 7.34
CA PRO B 157 27.34 -12.79 7.88
C PRO B 157 28.26 -12.37 9.03
N GLU B 158 28.66 -11.09 9.08
CA GLU B 158 29.71 -10.55 9.99
C GLU B 158 29.40 -10.90 11.45
N GLU B 159 30.34 -11.57 12.14
CA GLU B 159 30.23 -12.01 13.56
C GLU B 159 30.12 -10.77 14.47
N ASN B 160 28.99 -10.61 15.16
CA ASN B 160 28.62 -9.43 15.99
C ASN B 160 28.53 -8.20 15.09
N ASN B 161 27.42 -8.08 14.35
CA ASN B 161 27.15 -7.00 13.36
C ASN B 161 25.98 -6.13 13.86
N ARG B 162 25.34 -5.36 12.97
CA ARG B 162 24.30 -4.33 13.29
C ARG B 162 22.99 -5.00 13.74
N SER B 163 22.57 -6.07 13.05
CA SER B 163 21.24 -6.72 13.19
C SER B 163 21.07 -7.41 14.56
N LEU B 164 22.13 -7.51 15.38
CA LEU B 164 22.14 -8.28 16.66
C LEU B 164 22.63 -7.41 17.83
N LYS B 165 22.37 -6.10 17.81
CA LYS B 165 22.69 -5.16 18.93
C LYS B 165 21.43 -4.95 19.77
N LYS B 166 21.58 -4.66 21.07
CA LYS B 166 20.46 -4.55 22.04
C LYS B 166 19.92 -3.10 22.05
N ILE B 167 18.63 -2.94 21.71
CA ILE B 167 17.96 -1.59 21.64
C ILE B 167 17.32 -1.22 22.98
N PRO B 168 17.72 -0.05 23.52
CA PRO B 168 17.25 0.38 24.83
C PRO B 168 15.93 1.17 24.72
N LYS B 169 15.23 1.32 25.85
CA LYS B 169 13.93 2.02 25.94
C LYS B 169 14.17 3.54 25.98
N LEU B 170 13.68 4.26 24.97
CA LEU B 170 13.64 5.74 24.93
C LEU B 170 13.07 6.25 26.26
N GLU B 171 13.67 7.30 26.82
CA GLU B 171 13.27 7.89 28.13
C GLU B 171 12.59 9.24 27.88
N ASP B 172 11.44 9.47 28.54
CA ASP B 172 10.68 10.75 28.48
C ASP B 172 11.55 11.86 29.08
N PRO B 173 11.54 13.08 28.53
CA PRO B 173 10.77 13.42 27.33
C PRO B 173 11.48 13.09 26.01
N ALA B 174 10.70 12.64 25.02
CA ALA B 174 11.20 12.33 23.67
C ALA B 174 11.54 13.66 22.98
N GLN B 175 12.49 13.66 22.06
CA GLN B 175 12.82 14.86 21.26
C GLN B 175 11.65 15.16 20.29
N TYR B 176 11.12 14.13 19.65
CA TYR B 176 10.05 14.23 18.63
C TYR B 176 8.97 13.23 19.00
N SER B 177 7.73 13.58 18.68
CA SER B 177 6.55 12.72 18.91
C SER B 177 5.54 13.02 17.80
N MET B 178 4.79 12.00 17.40
CA MET B 178 3.53 12.06 16.62
C MET B 178 2.55 11.20 17.41
N ILE B 179 1.39 11.73 17.76
CA ILE B 179 0.41 11.09 18.66
C ILE B 179 -0.94 10.84 17.96
N GLY B 180 -1.72 9.98 18.57
CA GLY B 180 -3.07 9.61 18.15
C GLY B 180 -3.04 8.90 16.83
N LEU B 181 -2.13 7.95 16.63
CA LEU B 181 -2.03 7.15 15.37
C LEU B 181 -2.94 5.92 15.50
N LYS B 182 -3.89 5.77 14.57
CA LYS B 182 -4.84 4.63 14.47
C LYS B 182 -4.59 3.89 13.16
N PRO B 183 -4.70 2.54 13.13
CA PRO B 183 -4.74 1.82 11.85
C PRO B 183 -6.12 1.93 11.18
N ARG B 184 -6.15 1.98 9.84
CA ARG B 184 -7.44 1.87 9.05
C ARG B 184 -7.56 0.41 8.60
N ARG B 185 -8.67 0.07 7.94
CA ARG B 185 -9.01 -1.34 7.57
C ARG B 185 -7.99 -1.88 6.55
N ALA B 186 -7.38 -0.99 5.74
CA ALA B 186 -6.37 -1.40 4.74
C ALA B 186 -5.03 -1.73 5.41
N ASP B 187 -4.85 -1.40 6.70
CA ASP B 187 -3.65 -1.75 7.49
C ASP B 187 -3.80 -3.15 8.07
N LEU B 188 -4.95 -3.81 7.90
CA LEU B 188 -5.21 -5.15 8.51
C LEU B 188 -5.14 -6.23 7.42
N ASP B 189 -4.42 -7.32 7.71
CA ASP B 189 -4.31 -8.52 6.84
C ASP B 189 -5.68 -9.21 6.80
N MET B 190 -5.79 -10.31 6.05
CA MET B 190 -7.03 -11.13 5.96
C MET B 190 -7.39 -11.73 7.32
N ASN B 191 -6.41 -11.93 8.21
CA ASN B 191 -6.59 -12.46 9.60
C ASN B 191 -7.13 -11.35 10.53
N GLN B 192 -7.07 -10.09 10.08
CA GLN B 192 -7.61 -8.89 10.76
C GLN B 192 -6.63 -8.37 11.82
N HIS B 193 -5.35 -8.73 11.68
CA HIS B 193 -4.20 -8.23 12.49
C HIS B 193 -3.50 -7.09 11.76
N VAL B 194 -3.08 -6.05 12.49
CA VAL B 194 -2.30 -4.92 11.92
C VAL B 194 -0.99 -5.50 11.33
N ASN B 195 -0.84 -5.33 10.00
CA ASN B 195 0.31 -5.77 9.18
C ASN B 195 1.58 -5.09 9.70
N ASN B 196 2.67 -5.84 9.86
CA ASN B 196 3.85 -5.39 10.65
C ASN B 196 4.64 -4.34 9.86
N VAL B 197 4.31 -4.12 8.57
CA VAL B 197 4.87 -3.00 7.77
C VAL B 197 4.31 -1.64 8.23
N THR B 198 3.08 -1.60 8.79
CA THR B 198 2.40 -0.36 9.33
C THR B 198 3.24 0.22 10.50
N TYR B 199 3.85 -0.65 11.32
CA TYR B 199 4.72 -0.23 12.45
C TYR B 199 5.91 0.54 11.90
N ILE B 200 6.39 0.12 10.72
CA ILE B 200 7.56 0.78 10.11
C ILE B 200 7.10 2.21 9.84
N GLY B 201 5.94 2.34 9.20
CA GLY B 201 5.32 3.64 8.87
C GLY B 201 5.19 4.51 10.11
N TRP B 202 4.58 3.95 11.14
CA TRP B 202 4.35 4.66 12.43
C TRP B 202 5.67 5.12 13.07
N VAL B 203 6.72 4.28 13.07
CA VAL B 203 8.05 4.68 13.61
C VAL B 203 8.57 5.92 12.87
N LEU B 204 8.43 5.96 11.54
CA LEU B 204 9.03 7.07 10.74
C LEU B 204 8.21 8.37 10.77
N GLU B 205 6.98 8.31 11.28
CA GLU B 205 6.04 9.46 11.37
C GLU B 205 6.63 10.58 12.25
N SER B 206 7.47 10.22 13.22
CA SER B 206 8.08 11.15 14.20
C SER B 206 9.54 11.46 13.85
N ILE B 207 9.97 11.11 12.62
CA ILE B 207 11.29 11.55 12.10
C ILE B 207 11.11 13.00 11.68
N PRO B 208 11.97 13.93 12.13
CA PRO B 208 11.84 15.33 11.76
C PRO B 208 11.81 15.49 10.23
N GLN B 209 11.11 16.53 9.77
CA GLN B 209 10.93 16.82 8.32
C GLN B 209 12.26 17.23 7.68
N GLU B 210 13.07 18.02 8.39
CA GLU B 210 14.38 18.53 7.90
C GLU B 210 15.31 17.34 7.59
N ILE B 211 15.20 16.24 8.36
CA ILE B 211 15.99 15.00 8.11
C ILE B 211 15.45 14.33 6.85
N VAL B 212 14.13 14.27 6.67
CA VAL B 212 13.51 13.74 5.40
C VAL B 212 14.00 14.52 4.15
N ASP B 213 14.23 15.84 4.31
CA ASP B 213 14.62 16.78 3.23
C ASP B 213 16.09 16.60 2.85
N THR B 214 16.97 16.34 3.83
CA THR B 214 18.45 16.29 3.63
C THR B 214 19.13 14.91 3.65
N HIS B 215 18.52 13.93 4.33
CA HIS B 215 19.07 12.56 4.51
C HIS B 215 18.18 11.52 3.84
N GLU B 216 18.74 10.34 3.56
CA GLU B 216 18.04 9.14 3.06
C GLU B 216 18.23 8.01 4.09
N LEU B 217 17.21 7.17 4.29
CA LEU B 217 17.27 6.05 5.27
C LEU B 217 18.10 4.86 4.72
N GLN B 218 19.14 4.45 5.48
CA GLN B 218 20.03 3.33 5.09
C GLN B 218 19.67 2.08 5.91
N VAL B 219 19.57 2.20 7.24
CA VAL B 219 19.27 1.06 8.15
C VAL B 219 18.09 1.35 9.09
N ILE B 220 17.25 0.33 9.31
CA ILE B 220 16.19 0.31 10.36
C ILE B 220 16.22 -1.06 11.07
N THR B 221 16.06 -1.06 12.39
CA THR B 221 16.00 -2.31 13.21
C THR B 221 14.83 -2.06 14.14
N LEU B 222 13.90 -3.03 14.19
CA LEU B 222 12.62 -2.92 14.94
C LEU B 222 12.40 -4.18 15.79
N ASP B 223 12.22 -4.02 17.11
CA ASP B 223 11.76 -5.06 18.08
C ASP B 223 10.23 -5.06 18.12
N TYR B 224 9.61 -6.23 18.11
CA TYR B 224 8.14 -6.38 18.17
C TYR B 224 7.79 -7.00 19.53
N ARG B 225 7.27 -6.18 20.45
CA ARG B 225 6.97 -6.57 21.86
C ARG B 225 5.54 -7.09 21.97
N ARG B 226 4.58 -6.38 21.37
CA ARG B 226 3.11 -6.60 21.54
C ARG B 226 2.38 -6.10 20.30
N GLU B 227 1.36 -6.82 19.85
N GLU B 227 1.35 -6.82 19.84
N GLU B 227 1.36 -6.82 19.85
CA GLU B 227 0.53 -6.45 18.66
CA GLU B 227 0.53 -6.47 18.65
CA GLU B 227 0.53 -6.45 18.66
C GLU B 227 -0.36 -5.25 19.03
C GLU B 227 -0.40 -5.30 19.00
C GLU B 227 -0.36 -5.25 19.03
N CYS B 228 -0.61 -4.38 18.05
CA CYS B 228 -1.56 -3.25 18.19
C CYS B 228 -2.88 -3.78 17.60
N GLN B 229 -3.97 -3.63 18.33
CA GLN B 229 -5.29 -4.13 17.91
C GLN B 229 -5.92 -3.11 16.96
N GLN B 230 -6.99 -3.51 16.29
CA GLN B 230 -7.72 -2.66 15.32
C GLN B 230 -8.17 -1.32 15.95
N ASP B 231 -8.52 -1.35 17.24
CA ASP B 231 -9.16 -0.23 17.98
C ASP B 231 -8.19 0.37 19.00
N ASP B 232 -6.88 0.21 18.78
CA ASP B 232 -5.80 0.80 19.61
C ASP B 232 -5.31 2.12 19.00
N VAL B 233 -4.70 2.98 19.81
CA VAL B 233 -4.12 4.29 19.38
C VAL B 233 -2.65 4.25 19.78
N VAL B 234 -1.77 4.87 18.96
CA VAL B 234 -0.30 4.76 19.13
C VAL B 234 0.28 6.17 19.20
N ASP B 235 1.26 6.36 20.08
CA ASP B 235 2.16 7.51 19.92
C ASP B 235 3.52 7.01 19.44
N SER B 236 4.16 7.76 18.53
CA SER B 236 5.47 7.46 17.94
C SER B 236 6.50 8.49 18.48
N LEU B 237 7.52 7.99 19.18
CA LEU B 237 8.55 8.82 19.88
C LEU B 237 9.92 8.57 19.24
N THR B 238 10.67 9.64 18.97
CA THR B 238 12.02 9.57 18.36
C THR B 238 12.95 10.55 19.12
N THR B 239 14.21 10.17 19.31
CA THR B 239 15.29 11.00 19.93
C THR B 239 16.58 10.73 19.14
N THR B 240 17.22 11.77 18.62
CA THR B 240 18.56 11.74 17.97
C THR B 240 19.54 11.08 18.96
N THR B 241 20.39 10.15 18.53
CA THR B 241 21.48 9.59 19.38
C THR B 241 22.90 9.93 18.89
N SER B 242 23.00 10.58 17.73
CA SER B 242 24.28 11.06 17.14
C SER B 242 24.42 12.57 17.40
N ASP B 260 26.30 11.36 9.12
CA ASP B 260 25.29 10.30 9.45
C ASP B 260 24.48 10.70 10.68
N SER B 261 23.15 10.58 10.62
CA SER B 261 22.23 10.76 11.78
C SER B 261 21.67 9.40 12.23
N GLN B 262 21.61 9.18 13.56
CA GLN B 262 21.01 7.99 14.21
C GLN B 262 19.86 8.43 15.13
N PHE B 263 18.79 7.64 15.20
CA PHE B 263 17.64 7.88 16.10
C PHE B 263 17.30 6.60 16.88
N LEU B 264 16.80 6.83 18.07
CA LEU B 264 16.19 5.79 18.92
C LEU B 264 14.67 5.99 18.84
N HIS B 265 13.92 4.89 18.70
CA HIS B 265 12.46 4.88 18.43
C HIS B 265 11.69 4.10 19.50
N LEU B 266 10.46 4.54 19.77
CA LEU B 266 9.48 3.83 20.64
C LEU B 266 8.07 4.06 20.11
N LEU B 267 7.30 2.98 19.94
CA LEU B 267 5.82 2.97 19.80
C LEU B 267 5.22 2.49 21.12
N ARG B 268 4.11 3.10 21.56
CA ARG B 268 3.41 2.73 22.82
C ARG B 268 1.96 3.20 22.76
N LEU B 269 1.06 2.44 23.35
CA LEU B 269 -0.37 2.78 23.39
C LEU B 269 -0.54 4.19 23.99
N SER B 270 -1.28 5.03 23.28
CA SER B 270 -1.43 6.50 23.50
C SER B 270 -1.92 6.74 24.93
N GLY B 271 -2.67 5.78 25.48
CA GLY B 271 -3.27 5.83 26.83
C GLY B 271 -2.25 5.60 27.93
N ASP B 272 -2.09 4.34 28.34
CA ASP B 272 -1.24 3.91 29.48
C ASP B 272 0.23 3.80 29.06
N GLY B 273 0.55 4.07 27.79
CA GLY B 273 1.94 4.05 27.31
C GLY B 273 2.61 2.66 27.38
N GLN B 274 1.81 1.59 27.24
CA GLN B 274 2.23 0.19 27.00
C GLN B 274 3.07 0.11 25.71
N GLU B 275 4.32 -0.35 25.82
CA GLU B 275 5.27 -0.53 24.70
C GLU B 275 4.71 -1.57 23.73
N ILE B 276 4.73 -1.26 22.43
CA ILE B 276 4.42 -2.23 21.34
C ILE B 276 5.66 -2.47 20.47
N ASN B 277 6.48 -1.44 20.20
CA ASN B 277 7.72 -1.57 19.39
C ASN B 277 8.84 -0.66 19.94
N ARG B 278 10.09 -1.08 19.77
CA ARG B 278 11.28 -0.19 19.90
C ARG B 278 12.15 -0.42 18.64
N GLY B 279 12.94 0.57 18.21
CA GLY B 279 13.82 0.48 17.03
C GLY B 279 14.86 1.59 16.99
N THR B 280 15.78 1.53 16.01
CA THR B 280 16.83 2.51 15.63
C THR B 280 16.80 2.62 14.10
N THR B 281 17.12 3.80 13.58
CA THR B 281 17.28 4.11 12.15
C THR B 281 18.59 4.86 12.01
N LEU B 282 19.29 4.62 10.89
CA LEU B 282 20.53 5.33 10.50
C LEU B 282 20.27 6.03 9.16
N TRP B 283 20.52 7.34 9.11
CA TRP B 283 20.27 8.16 7.90
C TRP B 283 21.61 8.66 7.34
N ARG B 284 21.77 8.59 6.01
CA ARG B 284 22.96 9.08 5.27
C ARG B 284 22.59 10.37 4.54
N LYS B 285 23.51 11.34 4.45
CA LYS B 285 23.31 12.61 3.71
C LYS B 285 23.07 12.29 2.23
N LYS B 286 22.08 12.96 1.63
CA LYS B 286 21.70 12.78 0.22
C LYS B 286 22.87 13.12 -0.70
S SO4 C . -6.40 11.97 -17.82
O1 SO4 C . -7.71 12.30 -18.32
O2 SO4 C . -5.69 11.19 -18.81
O3 SO4 C . -5.67 13.17 -17.53
O4 SO4 C . -6.53 11.20 -16.62
S SO4 D . -13.21 -3.81 0.28
O1 SO4 D . -14.20 -3.27 1.16
O2 SO4 D . -13.75 -3.94 -1.05
O3 SO4 D . -12.05 -2.94 0.24
O4 SO4 D . -12.80 -5.10 0.75
CL3 3BZ E . -11.79 -5.42 3.68
C3 3BZ E . -12.00 -3.70 3.81
C4 3BZ E . -10.93 -2.86 3.59
C5 3BZ E . -11.11 -1.50 3.69
C6 3BZ E . -12.35 -0.96 4.04
C2 3BZ E . -13.24 -3.19 4.14
C1 3BZ E . -13.42 -1.83 4.25
C 3BZ E . -14.75 -1.29 4.62
O2 3BZ E . -15.49 -1.02 3.75
O1 3BZ E . -15.04 -1.18 5.84
CL3 3BZ F . 9.32 9.23 1.39
C3 3BZ F . 8.93 8.66 2.99
C4 3BZ F . 7.89 7.75 3.14
C5 3BZ F . 7.58 7.31 4.41
C6 3BZ F . 8.29 7.77 5.51
C2 3BZ F . 9.63 9.13 4.07
C1 3BZ F . 9.31 8.69 5.35
C 3BZ F . 10.08 9.18 6.51
O2 3BZ F . 9.55 9.25 7.55
O1 3BZ F . 11.28 9.54 6.33
S SO4 G . 11.53 6.11 2.92
O1 SO4 G . 11.43 7.19 2.00
O2 SO4 G . 10.29 5.37 2.96
O3 SO4 G . 12.59 5.22 2.48
O4 SO4 G . 11.84 6.62 4.22
S SO4 H . 9.45 -18.19 8.62
O1 SO4 H . 8.77 -17.81 7.42
O2 SO4 H . 9.67 -19.61 8.61
O3 SO4 H . 10.71 -17.51 8.69
O4 SO4 H . 8.64 -17.84 9.77
#